data_9JG1
#
_entry.id   9JG1
#
loop_
_entity.id
_entity.type
_entity.pdbx_description
1 polymer 'Histamine H4 receptor,Soluble cytochrome b562'
2 polymer 'anti-BRIL Fab Heavy chain'
3 polymer 'anti-BRIL Fab Light chain'
4 non-polymer Adriforant
#
loop_
_entity_poly.entity_id
_entity_poly.type
_entity_poly.pdbx_seq_one_letter_code
_entity_poly.pdbx_strand_id
1 'polypeptide(L)'
;MPDTNSTINLSLSTRVTLAFFMSLVAFAIMLGNALVILAFVVDKNLRHRSSYFFLNLAISDFFVGVISIPLYIPHTLFEW
DFGKEICVFWLTTDYLLCTASVYNIVLISYDRYLSVSNAVSYRTQHTGVLKIVTLMVAVWVLAFLVNGPMILVSESWKDE
GSECEPGFFSEWYILAITSFLEFVIPVILVAYFNMNIYWSLWKRDHLARRQLADLEDNWETLNDNLKVIEKADNAAQVKD
ALTKMRAAALDAQKATPPKLEDKSPDSPEMKDFRHGFDILVGQIDDALKLANEGKVKEAQAAAEQLKTTRNAYIQKYLER
ARSTLQREHVELLRARRLAKSLAILLGVFAVCWAPYSLFTIVLSFYSSATGPKSVWYRIAFWLQWFNSFVNPLLYPLCHK
RFQKAFLKIFCIKKQPLPSQHSRSVSS
;
R
2 'polypeptide(L)'
;MSDIQMTQSPSSLSASVGDRVTITCRASQSVSSAVAWYQQKPGKAPKLLIYSASSLYSGVPSRFSGSRSGTDFTLTISSL
QPEDFATYYCQQYLYYSLVTFGQGTKVEIKRTVAAPSVFIFPPSDSQLKSGTASVVCLLNNFYPREAKVQWKVDNALQSG
NSQESVTEQDSKDSTYSLSSTLTLSKADYEKHKVYACEVTHQGLSSPVTKSFNRGGHHHHHH
;
H
3 'polypeptide(L)'
;MSEVQLVESGGGLVQPGGSLRLSCAASGFNVVVFSIHWVRQAPGKGLEWVAYISSSSGSTSYADSVKGRFTISADTSKNT
AYLQMNSLRAEDTAVYYCARWGYWPGEPWWKAFDYWGQGTLVTVSSASTKGPSVFPLAPSSKSTSGGTAALGCLVKDYFP
EPVTVSWNSGALTSGVHTFPAVLQSSGLYSLSSVVTVPSSSLGTQTYICNVNHKPSNTKVDKKVEP
;
L
#
# COMPACT_ATOMS: atom_id res chain seq x y z
N SER A 11 -3.69 58.19 33.67
CA SER A 11 -4.33 59.43 34.10
C SER A 11 -5.83 59.22 34.30
N LEU A 12 -6.52 60.28 34.75
CA LEU A 12 -7.96 60.17 34.98
C LEU A 12 -8.72 60.05 33.67
N SER A 13 -8.25 60.73 32.62
CA SER A 13 -8.91 60.66 31.32
C SER A 13 -8.54 59.42 30.54
N THR A 14 -7.59 58.63 31.01
CA THR A 14 -7.18 57.43 30.28
C THR A 14 -8.19 56.30 30.46
N ARG A 15 -8.89 56.27 31.59
CA ARG A 15 -9.85 55.20 31.84
C ARG A 15 -10.98 55.23 30.81
N VAL A 16 -11.51 56.42 30.51
CA VAL A 16 -12.60 56.52 29.55
C VAL A 16 -12.15 56.11 28.17
N THR A 17 -10.94 56.51 27.78
CA THR A 17 -10.42 56.14 26.46
C THR A 17 -10.21 54.64 26.36
N LEU A 18 -9.65 54.02 27.40
CA LEU A 18 -9.44 52.58 27.38
C LEU A 18 -10.76 51.83 27.37
N ALA A 19 -11.76 52.33 28.11
CA ALA A 19 -13.08 51.69 28.09
C ALA A 19 -13.73 51.80 26.73
N PHE A 20 -13.59 52.95 26.06
CA PHE A 20 -14.14 53.11 24.72
C PHE A 20 -13.44 52.19 23.73
N PHE A 21 -12.12 52.05 23.86
CA PHE A 21 -11.38 51.14 22.97
C PHE A 21 -11.80 49.69 23.21
N MET A 22 -11.99 49.29 24.47
CA MET A 22 -12.44 47.94 24.76
C MET A 22 -13.84 47.70 24.22
N SER A 23 -14.72 48.71 24.31
CA SER A 23 -16.06 48.58 23.76
C SER A 23 -16.02 48.44 22.25
N LEU A 24 -15.13 49.18 21.59
CA LEU A 24 -14.99 49.05 20.14
C LEU A 24 -14.48 47.67 19.75
N VAL A 25 -13.51 47.15 20.51
CA VAL A 25 -12.98 45.82 20.22
C VAL A 25 -14.06 44.76 20.42
N ALA A 26 -14.83 44.87 21.50
CA ALA A 26 -15.91 43.92 21.74
C ALA A 26 -16.97 44.01 20.65
N PHE A 27 -17.29 45.22 20.20
CA PHE A 27 -18.26 45.39 19.12
C PHE A 27 -17.76 44.76 17.83
N ALA A 28 -16.46 44.94 17.53
CA ALA A 28 -15.90 44.34 16.32
C ALA A 28 -15.93 42.81 16.40
N ILE A 29 -15.56 42.24 17.55
CA ILE A 29 -15.59 40.79 17.71
C ILE A 29 -17.01 40.27 17.56
N MET A 30 -17.98 40.95 18.19
CA MET A 30 -19.37 40.52 18.12
C MET A 30 -19.89 40.61 16.69
N LEU A 31 -19.53 41.68 15.97
CA LEU A 31 -19.97 41.83 14.59
C LEU A 31 -19.37 40.75 13.70
N GLY A 32 -18.09 40.45 13.87
CA GLY A 32 -17.48 39.39 13.08
C GLY A 32 -18.13 38.04 13.34
N ASN A 33 -18.33 37.70 14.61
CA ASN A 33 -18.95 36.42 14.94
C ASN A 33 -20.40 36.36 14.47
N ALA A 34 -21.12 37.47 14.53
CA ALA A 34 -22.50 37.49 14.04
C ALA A 34 -22.54 37.34 12.53
N LEU A 35 -21.59 37.93 11.82
CA LEU A 35 -21.53 37.75 10.37
C LEU A 35 -21.20 36.30 10.03
N VAL A 36 -20.32 35.66 10.79
CA VAL A 36 -20.01 34.25 10.55
C VAL A 36 -21.24 33.39 10.81
N ILE A 37 -21.95 33.63 11.91
CA ILE A 37 -23.15 32.86 12.21
C ILE A 37 -24.22 33.08 11.17
N LEU A 38 -24.33 34.30 10.64
CA LEU A 38 -25.32 34.57 9.60
C LEU A 38 -24.96 33.86 8.30
N ALA A 39 -23.69 33.90 7.91
CA ALA A 39 -23.26 33.18 6.72
C ALA A 39 -23.45 31.67 6.89
N PHE A 40 -23.40 31.18 8.13
CA PHE A 40 -23.66 29.76 8.37
C PHE A 40 -25.14 29.43 8.27
N VAL A 41 -26.00 30.24 8.89
CA VAL A 41 -27.43 29.90 8.96
C VAL A 41 -28.17 30.24 7.67
N VAL A 42 -27.66 31.17 6.86
CA VAL A 42 -28.37 31.55 5.65
C VAL A 42 -28.11 30.55 4.54
N ASP A 43 -26.84 30.24 4.27
CA ASP A 43 -26.48 29.30 3.23
C ASP A 43 -26.60 27.88 3.77
N LYS A 44 -27.47 27.08 3.17
CA LYS A 44 -27.67 25.70 3.59
C LYS A 44 -26.61 24.75 3.05
N ASN A 45 -25.75 25.22 2.15
CA ASN A 45 -24.70 24.35 1.63
C ASN A 45 -23.65 24.05 2.70
N LEU A 46 -23.38 25.02 3.58
CA LEU A 46 -22.42 24.82 4.67
C LEU A 46 -23.11 24.31 5.93
N ARG A 47 -23.83 23.19 5.79
CA ARG A 47 -24.47 22.54 6.93
C ARG A 47 -24.19 21.04 6.94
N HIS A 48 -23.16 20.61 6.22
CA HIS A 48 -22.81 19.19 6.14
C HIS A 48 -21.94 18.84 7.35
N ARG A 49 -21.33 17.64 7.31
CA ARG A 49 -20.45 17.22 8.39
C ARG A 49 -19.26 18.16 8.56
N SER A 50 -18.83 18.81 7.48
CA SER A 50 -17.70 19.73 7.52
C SER A 50 -18.05 21.08 8.13
N SER A 51 -19.24 21.24 8.71
CA SER A 51 -19.65 22.49 9.33
C SER A 51 -20.31 22.33 10.69
N TYR A 52 -20.71 21.11 11.08
CA TYR A 52 -21.33 20.92 12.39
C TYR A 52 -20.31 21.10 13.50
N PHE A 53 -19.12 20.54 13.33
CA PHE A 53 -18.07 20.62 14.35
C PHE A 53 -17.29 21.93 14.28
N PHE A 54 -17.58 22.79 13.30
CA PHE A 54 -16.91 24.08 13.17
C PHE A 54 -17.73 25.25 13.70
N LEU A 55 -19.01 25.03 14.02
CA LEU A 55 -19.86 26.12 14.46
C LEU A 55 -19.48 26.63 15.85
N ASN A 56 -19.17 25.73 16.78
CA ASN A 56 -18.82 26.15 18.13
C ASN A 56 -17.58 27.04 18.13
N LEU A 57 -16.64 26.80 17.21
CA LEU A 57 -15.45 27.65 17.10
C LEU A 57 -15.81 29.11 16.88
N ALA A 58 -16.98 29.39 16.31
CA ALA A 58 -17.45 30.75 16.11
C ALA A 58 -18.50 31.18 17.11
N ILE A 59 -18.94 30.28 17.98
CA ILE A 59 -19.99 30.60 18.96
C ILE A 59 -19.42 30.81 20.35
N SER A 60 -18.67 29.82 20.87
CA SER A 60 -18.14 29.91 22.22
C SER A 60 -17.30 31.16 22.41
N ASP A 61 -16.27 31.33 21.59
CA ASP A 61 -15.45 32.55 21.65
C ASP A 61 -16.31 33.80 21.49
N PHE A 62 -17.39 33.69 20.71
CA PHE A 62 -18.33 34.80 20.56
C PHE A 62 -18.83 35.28 21.92
N PHE A 63 -19.26 34.34 22.77
CA PHE A 63 -19.73 34.70 24.10
C PHE A 63 -18.65 35.42 24.89
N VAL A 64 -17.38 35.08 24.62
CA VAL A 64 -16.27 35.80 25.23
C VAL A 64 -16.40 37.30 25.00
N GLY A 65 -16.62 37.69 23.74
CA GLY A 65 -16.78 39.10 23.43
C GLY A 65 -17.95 39.73 24.15
N VAL A 66 -18.94 38.92 24.53
CA VAL A 66 -20.09 39.44 25.26
C VAL A 66 -19.83 39.39 26.77
N ILE A 67 -18.94 38.50 27.21
CA ILE A 67 -18.78 38.29 28.64
C ILE A 67 -17.41 38.79 29.12
N SER A 68 -16.34 38.24 28.58
CA SER A 68 -15.01 38.61 29.08
C SER A 68 -14.69 40.08 28.93
N ILE A 69 -14.77 40.61 27.71
CA ILE A 69 -14.40 42.00 27.49
C ILE A 69 -15.25 43.05 28.24
N PRO A 70 -16.58 42.89 28.27
CA PRO A 70 -17.32 43.92 29.00
C PRO A 70 -17.15 43.86 30.51
N LEU A 71 -17.29 42.68 31.11
CA LEU A 71 -17.20 42.55 32.56
C LEU A 71 -15.82 42.94 33.07
N TYR A 72 -14.81 42.94 32.19
CA TYR A 72 -13.47 43.37 32.59
C TYR A 72 -13.40 44.87 32.78
N ILE A 73 -14.34 45.62 32.20
CA ILE A 73 -14.34 47.09 32.31
C ILE A 73 -14.62 47.60 33.73
N PRO A 74 -15.69 47.11 34.39
CA PRO A 74 -15.87 47.54 35.78
C PRO A 74 -14.70 47.12 36.65
N HIS A 75 -14.14 45.95 36.38
CA HIS A 75 -13.03 45.47 37.18
C HIS A 75 -11.81 46.37 37.12
N THR A 76 -11.45 46.83 35.92
CA THR A 76 -10.24 47.62 35.79
C THR A 76 -10.42 49.12 35.61
N LEU A 77 -11.29 49.52 34.69
CA LEU A 77 -11.43 50.95 34.41
C LEU A 77 -12.28 51.63 35.46
N PHE A 78 -13.39 51.00 35.82
CA PHE A 78 -14.27 51.56 36.83
C PHE A 78 -13.93 50.93 38.19
N GLU A 79 -14.71 51.25 39.21
CA GLU A 79 -14.55 50.67 40.53
C GLU A 79 -15.30 49.35 40.64
N TRP A 80 -14.71 48.39 41.34
CA TRP A 80 -15.30 47.07 41.47
C TRP A 80 -16.60 47.13 42.27
N ASP A 81 -17.73 46.92 41.58
CA ASP A 81 -19.04 46.95 42.22
C ASP A 81 -19.78 45.62 42.05
N PHE A 82 -19.05 44.54 41.82
CA PHE A 82 -19.63 43.21 41.66
C PHE A 82 -19.22 42.33 42.83
N GLY A 83 -20.06 41.35 43.13
CA GLY A 83 -19.77 40.40 44.19
C GLY A 83 -18.82 39.31 43.74
N LYS A 84 -18.44 38.46 44.68
CA LYS A 84 -17.49 37.40 44.37
C LYS A 84 -18.14 36.34 43.49
N GLU A 85 -19.43 36.11 43.68
CA GLU A 85 -20.13 35.13 42.87
C GLU A 85 -20.11 35.55 41.42
N ILE A 86 -20.33 36.83 41.16
CA ILE A 86 -20.29 37.34 39.79
C ILE A 86 -18.89 37.19 39.22
N CYS A 87 -17.89 37.48 40.04
CA CYS A 87 -16.51 37.37 39.60
C CYS A 87 -16.16 35.93 39.25
N VAL A 88 -16.62 34.99 40.05
CA VAL A 88 -16.36 33.58 39.77
C VAL A 88 -17.02 33.17 38.46
N PHE A 89 -18.29 33.52 38.29
CA PHE A 89 -19.01 33.18 37.07
C PHE A 89 -18.27 33.68 35.83
N TRP A 90 -17.70 34.88 35.92
CA TRP A 90 -16.91 35.42 34.80
C TRP A 90 -15.70 34.55 34.52
N LEU A 91 -14.97 34.16 35.58
CA LEU A 91 -13.82 33.28 35.40
C LEU A 91 -14.24 31.94 34.80
N THR A 92 -15.44 31.51 35.21
CA THR A 92 -16.02 30.27 34.72
C THR A 92 -16.36 30.36 33.25
N THR A 93 -16.96 31.46 32.84
CA THR A 93 -17.24 31.61 31.44
C THR A 93 -15.91 31.67 30.72
N ASP A 94 -14.92 32.34 31.30
CA ASP A 94 -13.68 32.48 30.59
C ASP A 94 -13.02 31.12 30.32
N TYR A 95 -12.95 30.24 31.32
CA TYR A 95 -12.41 28.90 31.03
C TYR A 95 -13.26 28.04 30.09
N LEU A 96 -14.57 28.06 30.29
CA LEU A 96 -15.44 27.22 29.47
C LEU A 96 -15.38 27.60 28.02
N LEU A 97 -15.39 28.90 27.73
CA LEU A 97 -15.43 29.34 26.34
C LEU A 97 -14.06 29.23 25.71
N CYS A 98 -13.02 29.38 26.52
CA CYS A 98 -11.65 29.24 26.02
C CYS A 98 -11.32 27.80 25.63
N THR A 99 -11.32 26.91 26.61
CA THR A 99 -10.98 25.52 26.33
C THR A 99 -11.92 24.90 25.30
N ALA A 100 -13.10 25.48 25.12
CA ALA A 100 -14.05 24.94 24.13
C ALA A 100 -13.47 25.01 22.73
N SER A 101 -12.70 26.04 22.41
CA SER A 101 -12.12 26.17 21.08
C SER A 101 -11.17 25.02 20.79
N VAL A 102 -10.21 24.77 21.68
CA VAL A 102 -9.23 23.73 21.44
C VAL A 102 -9.89 22.35 21.50
N TYR A 103 -10.93 22.20 22.32
CA TYR A 103 -11.61 20.90 22.37
C TYR A 103 -12.44 20.66 21.12
N ASN A 104 -13.02 21.70 20.53
CA ASN A 104 -13.68 21.54 19.24
C ASN A 104 -12.68 21.26 18.14
N ILE A 105 -11.48 21.83 18.23
CA ILE A 105 -10.42 21.48 17.27
C ILE A 105 -10.07 20.00 17.39
N VAL A 106 -9.96 19.51 18.63
CA VAL A 106 -9.68 18.09 18.84
C VAL A 106 -10.81 17.22 18.30
N LEU A 107 -12.06 17.66 18.48
CA LEU A 107 -13.19 16.92 17.96
C LEU A 107 -13.18 16.89 16.43
N ILE A 108 -12.80 18.00 15.80
CA ILE A 108 -12.69 18.03 14.35
C ILE A 108 -11.59 17.08 13.88
N SER A 109 -10.45 17.08 14.56
CA SER A 109 -9.37 16.16 14.20
C SER A 109 -9.81 14.71 14.35
N TYR A 110 -10.56 14.40 15.41
CA TYR A 110 -11.03 13.04 15.61
C TYR A 110 -12.05 12.64 14.55
N ASP A 111 -12.92 13.56 14.16
CA ASP A 111 -13.88 13.28 13.10
C ASP A 111 -13.17 13.03 11.78
N ARG A 112 -12.14 13.82 11.48
CA ARG A 112 -11.38 13.60 10.25
C ARG A 112 -10.64 12.27 10.28
N TYR A 113 -10.11 11.90 11.45
CA TYR A 113 -9.44 10.61 11.59
C TYR A 113 -10.43 9.46 11.36
N LEU A 114 -11.65 9.59 11.90
CA LEU A 114 -12.66 8.56 11.65
C LEU A 114 -13.09 8.54 10.19
N SER A 115 -13.11 9.69 9.52
CA SER A 115 -13.55 9.77 8.14
C SER A 115 -12.48 9.35 7.14
N VAL A 116 -11.21 9.34 7.53
CA VAL A 116 -10.11 8.97 6.64
C VAL A 116 -9.57 7.57 6.97
N SER A 117 -9.18 7.35 8.22
CA SER A 117 -8.62 6.05 8.59
C SER A 117 -9.68 4.96 8.54
N ASN A 118 -10.89 5.24 9.03
CA ASN A 118 -12.00 4.30 9.00
C ASN A 118 -12.95 4.55 7.84
N ALA A 119 -12.41 5.01 6.69
CA ALA A 119 -13.25 5.31 5.55
C ALA A 119 -13.86 4.05 4.93
N VAL A 120 -13.32 2.88 5.24
CA VAL A 120 -13.87 1.64 4.68
C VAL A 120 -15.24 1.34 5.28
N SER A 121 -15.53 1.89 6.47
CA SER A 121 -16.81 1.68 7.14
C SER A 121 -17.55 2.96 7.46
N TYR A 122 -16.84 4.04 7.82
CA TYR A 122 -17.52 5.29 8.18
C TYR A 122 -17.92 6.08 6.94
N ARG A 123 -17.02 6.16 5.96
CA ARG A 123 -17.34 6.91 4.75
C ARG A 123 -18.37 6.17 3.89
N THR A 124 -18.30 4.84 3.86
CA THR A 124 -19.27 4.07 3.09
C THR A 124 -20.65 4.13 3.74
N GLN A 125 -20.70 4.04 5.07
CA GLN A 125 -21.95 4.10 5.81
C GLN A 125 -21.76 5.08 6.98
N HIS A 126 -22.34 6.27 6.85
CA HIS A 126 -22.21 7.27 7.90
C HIS A 126 -23.08 6.90 9.10
N THR A 127 -22.58 7.24 10.30
CA THR A 127 -23.32 6.97 11.51
C THR A 127 -24.45 7.98 11.68
N GLY A 128 -25.30 7.72 12.67
CA GLY A 128 -26.42 8.60 12.93
C GLY A 128 -25.98 9.95 13.45
N VAL A 129 -26.76 10.98 13.14
CA VAL A 129 -26.45 12.34 13.58
C VAL A 129 -26.81 12.59 15.03
N LEU A 130 -27.58 11.69 15.65
CA LEU A 130 -28.01 11.89 17.04
C LEU A 130 -26.83 11.98 18.00
N LYS A 131 -25.66 11.48 17.61
CA LYS A 131 -24.47 11.57 18.45
C LYS A 131 -23.71 12.87 18.24
N ILE A 132 -23.86 13.52 17.09
CA ILE A 132 -23.08 14.73 16.78
C ILE A 132 -23.28 15.78 17.86
N VAL A 133 -24.53 16.22 18.06
CA VAL A 133 -24.82 17.15 19.14
C VAL A 133 -24.43 16.55 20.48
N THR A 134 -24.62 15.24 20.65
CA THR A 134 -24.23 14.56 21.88
C THR A 134 -22.75 14.78 22.18
N LEU A 135 -21.93 14.86 21.13
CA LEU A 135 -20.54 15.23 21.34
C LEU A 135 -20.39 16.71 21.67
N MET A 136 -21.04 17.58 20.88
CA MET A 136 -20.79 19.02 20.98
C MET A 136 -20.95 19.52 22.40
N VAL A 137 -22.15 19.38 22.96
CA VAL A 137 -22.39 19.78 24.35
C VAL A 137 -21.39 19.11 25.27
N ALA A 138 -21.16 17.80 25.09
CA ALA A 138 -20.19 17.10 25.91
C ALA A 138 -18.83 17.78 25.85
N VAL A 139 -18.41 18.18 24.64
CA VAL A 139 -17.16 18.93 24.49
C VAL A 139 -17.10 20.05 25.51
N TRP A 140 -18.14 20.89 25.55
CA TRP A 140 -18.17 21.97 26.53
C TRP A 140 -18.00 21.44 27.94
N VAL A 141 -18.81 20.45 28.33
CA VAL A 141 -18.71 19.95 29.69
C VAL A 141 -17.34 19.32 29.93
N LEU A 142 -16.71 18.80 28.87
CA LEU A 142 -15.34 18.32 29.00
C LEU A 142 -14.45 19.41 29.55
N ALA A 143 -14.48 20.59 28.92
CA ALA A 143 -13.74 21.73 29.45
C ALA A 143 -14.07 21.96 30.92
N PHE A 144 -15.36 21.90 31.27
CA PHE A 144 -15.76 22.04 32.66
C PHE A 144 -15.03 21.02 33.53
N LEU A 145 -15.09 19.74 33.14
CA LEU A 145 -14.46 18.70 33.94
C LEU A 145 -12.96 18.91 34.07
N VAL A 146 -12.37 19.71 33.18
CA VAL A 146 -10.95 20.00 33.27
C VAL A 146 -10.71 21.23 34.13
N ASN A 147 -11.60 22.22 34.05
CA ASN A 147 -11.30 23.51 34.66
C ASN A 147 -12.30 23.91 35.74
N GLY A 148 -13.52 23.40 35.68
CA GLY A 148 -14.57 23.82 36.56
C GLY A 148 -14.32 23.56 38.04
N PRO A 149 -14.29 22.29 38.44
CA PRO A 149 -14.16 22.00 39.88
C PRO A 149 -12.76 22.25 40.43
N MET A 150 -11.71 21.90 39.68
CA MET A 150 -10.37 21.81 40.24
C MET A 150 -9.94 23.13 40.88
N ILE A 151 -9.86 24.20 40.08
CA ILE A 151 -9.46 25.49 40.64
C ILE A 151 -10.45 25.95 41.69
N LEU A 152 -11.73 25.57 41.55
CA LEU A 152 -12.73 25.92 42.54
C LEU A 152 -12.36 25.39 43.92
N VAL A 153 -11.70 24.23 43.96
CA VAL A 153 -11.27 23.67 45.23
C VAL A 153 -10.02 24.38 45.73
N SER A 154 -9.19 24.88 44.81
CA SER A 154 -7.89 25.41 45.18
C SER A 154 -7.88 26.93 45.35
N GLU A 155 -8.95 27.62 44.97
CA GLU A 155 -9.02 29.07 45.08
C GLU A 155 -9.56 29.55 46.44
N SER A 156 -9.53 28.69 47.45
CA SER A 156 -10.06 29.03 48.78
C SER A 156 -9.00 29.83 49.54
N TRP A 157 -8.96 31.13 49.25
CA TRP A 157 -8.06 32.06 49.91
C TRP A 157 -8.86 33.14 50.61
N LYS A 158 -8.36 33.60 51.76
CA LYS A 158 -9.06 34.60 52.54
C LYS A 158 -8.79 36.02 52.04
N ASP A 159 -7.57 36.30 51.60
CA ASP A 159 -7.22 37.64 51.16
C ASP A 159 -7.98 38.03 49.90
N GLU A 160 -8.27 39.32 49.77
CA GLU A 160 -9.00 39.85 48.64
C GLU A 160 -8.09 40.48 47.59
N GLY A 161 -6.79 40.52 47.83
CA GLY A 161 -5.87 41.02 46.82
C GLY A 161 -5.83 40.10 45.62
N SER A 162 -5.96 40.70 44.43
CA SER A 162 -6.10 39.96 43.17
C SER A 162 -7.27 38.97 43.26
N GLU A 163 -8.46 39.55 43.43
CA GLU A 163 -9.66 38.75 43.67
C GLU A 163 -9.96 37.82 42.49
N CYS A 164 -10.21 38.40 41.32
CA CYS A 164 -10.56 37.62 40.14
C CYS A 164 -9.34 37.05 39.43
N GLU A 165 -8.15 37.23 39.99
CA GLU A 165 -7.02 36.38 39.62
C GLU A 165 -7.14 35.06 40.36
N PRO A 166 -6.92 33.93 39.70
CA PRO A 166 -7.25 32.64 40.31
C PRO A 166 -6.38 32.34 41.52
N GLY A 167 -7.03 31.88 42.59
CA GLY A 167 -6.31 31.58 43.83
C GLY A 167 -5.46 30.33 43.78
N PHE A 168 -5.64 29.49 42.76
CA PHE A 168 -4.86 28.27 42.65
C PHE A 168 -3.44 28.53 42.16
N PHE A 169 -3.08 29.77 41.87
CA PHE A 169 -1.72 30.10 41.48
C PHE A 169 -0.76 29.93 42.66
N SER A 170 0.53 30.14 42.38
CA SER A 170 1.60 30.02 43.36
C SER A 170 1.79 28.59 43.84
N GLU A 171 0.98 27.66 43.31
CA GLU A 171 1.09 26.23 43.60
C GLU A 171 1.47 25.55 42.28
N TRP A 172 2.77 25.28 42.11
CA TRP A 172 3.29 24.88 40.81
C TRP A 172 2.76 23.53 40.33
N TYR A 173 2.30 22.67 41.24
CA TYR A 173 1.92 21.33 40.82
C TYR A 173 0.64 21.34 39.99
N ILE A 174 -0.41 21.99 40.49
CA ILE A 174 -1.66 22.05 39.73
C ILE A 174 -1.49 22.88 38.46
N LEU A 175 -0.72 23.97 38.54
CA LEU A 175 -0.45 24.76 37.34
C LEU A 175 0.22 23.92 36.27
N ALA A 176 1.27 23.18 36.66
CA ALA A 176 1.98 22.34 35.70
C ALA A 176 1.08 21.25 35.13
N ILE A 177 0.28 20.60 35.99
CA ILE A 177 -0.60 19.54 35.51
C ILE A 177 -1.61 20.10 34.50
N THR A 178 -2.28 21.19 34.87
CA THR A 178 -3.30 21.77 33.99
C THR A 178 -2.69 22.24 32.67
N SER A 179 -1.58 22.95 32.73
CA SER A 179 -0.92 23.40 31.51
C SER A 179 -0.87 22.27 30.51
N PHE A 180 -0.42 21.10 30.96
CA PHE A 180 -0.31 19.95 30.08
C PHE A 180 -1.66 19.49 29.54
N LEU A 181 -2.65 19.39 30.42
CA LEU A 181 -3.96 18.91 30.00
C LEU A 181 -4.67 19.82 29.03
N GLU A 182 -4.65 21.13 29.30
CA GLU A 182 -5.31 22.08 28.45
C GLU A 182 -4.69 22.21 27.07
N PHE A 183 -3.37 22.23 27.00
CA PHE A 183 -2.72 22.44 25.70
C PHE A 183 -1.94 21.28 25.11
N VAL A 184 -1.02 20.71 25.88
CA VAL A 184 -0.17 19.66 25.33
C VAL A 184 -0.93 18.41 24.88
N ILE A 185 -1.87 17.96 25.69
CA ILE A 185 -2.65 16.77 25.33
C ILE A 185 -3.45 16.97 24.05
N PRO A 186 -4.10 18.13 23.86
CA PRO A 186 -4.76 18.32 22.58
C PRO A 186 -3.80 18.29 21.40
N VAL A 187 -2.63 18.89 21.56
CA VAL A 187 -1.68 18.93 20.44
C VAL A 187 -1.30 17.52 20.06
N ILE A 188 -1.09 16.66 21.05
CA ILE A 188 -0.76 15.27 20.77
C ILE A 188 -1.82 14.62 19.91
N LEU A 189 -3.08 14.68 20.34
CA LEU A 189 -4.16 14.03 19.61
C LEU A 189 -4.26 14.55 18.19
N VAL A 190 -4.17 15.87 18.00
CA VAL A 190 -4.27 16.45 16.68
C VAL A 190 -3.12 15.98 15.79
N ALA A 191 -1.89 15.99 16.32
CA ALA A 191 -0.73 15.55 15.54
C ALA A 191 -0.84 14.07 15.20
N TYR A 192 -1.29 13.25 16.14
CA TYR A 192 -1.44 11.83 15.88
C TYR A 192 -2.47 11.58 14.79
N PHE A 193 -3.62 12.24 14.87
CA PHE A 193 -4.65 12.06 13.85
C PHE A 193 -4.19 12.54 12.49
N ASN A 194 -3.51 13.70 12.44
CA ASN A 194 -3.04 14.23 11.17
C ASN A 194 -1.97 13.33 10.55
N MET A 195 -1.05 12.83 11.37
CA MET A 195 -0.02 11.92 10.85
C MET A 195 -0.63 10.62 10.37
N ASN A 196 -1.62 10.09 11.09
CA ASN A 196 -2.29 8.87 10.63
C ASN A 196 -2.99 9.10 9.30
N ILE A 197 -3.70 10.21 9.17
CA ILE A 197 -4.40 10.53 7.92
C ILE A 197 -3.41 10.65 6.77
N TYR A 198 -2.32 11.41 6.99
CA TYR A 198 -1.35 11.63 5.92
C TYR A 198 -0.66 10.34 5.53
N TRP A 199 -0.31 9.50 6.51
CA TRP A 199 0.37 8.25 6.21
C TRP A 199 -0.55 7.28 5.49
N SER A 200 -1.82 7.20 5.91
CA SER A 200 -2.77 6.35 5.22
C SER A 200 -2.99 6.79 3.78
N LEU A 201 -3.14 8.09 3.56
CA LEU A 201 -3.32 8.58 2.19
C LEU A 201 -2.07 8.39 1.34
N TRP A 202 -0.89 8.56 1.93
CA TRP A 202 0.34 8.33 1.18
C TRP A 202 0.52 6.85 0.83
N LYS A 203 0.09 5.94 1.73
CA LYS A 203 0.13 4.52 1.39
C LYS A 203 -0.89 4.18 0.32
N ARG A 204 -2.09 4.77 0.38
CA ARG A 204 -3.09 4.51 -0.64
C ARG A 204 -2.65 5.03 -2.00
N ASP A 205 -1.92 6.16 -2.02
CA ASP A 205 -1.44 6.71 -3.28
C ASP A 205 -0.15 6.05 -3.75
N HIS A 206 0.64 5.51 -2.83
CA HIS A 206 1.92 4.93 -3.20
C HIS A 206 1.66 3.61 -3.86
N LEU A 207 0.74 2.83 -3.29
CA LEU A 207 0.39 1.58 -3.92
C LEU A 207 -0.23 1.88 -5.28
N ALA A 208 -1.08 2.90 -5.34
CA ALA A 208 -1.66 3.28 -6.61
C ALA A 208 -0.63 3.80 -7.60
N ARG A 209 0.29 4.64 -7.14
CA ARG A 209 1.26 5.22 -8.04
C ARG A 209 2.17 4.15 -8.61
N ARG A 210 2.59 3.23 -7.76
CA ARG A 210 3.48 2.17 -8.21
C ARG A 210 2.71 1.23 -9.10
N GLN A 211 1.54 0.80 -8.65
CA GLN A 211 0.79 -0.19 -9.44
C GLN A 211 0.40 0.38 -10.80
N LEU A 212 -0.05 1.64 -10.83
CA LEU A 212 -0.37 2.27 -12.11
C LEU A 212 0.87 2.42 -12.98
N ALA A 213 2.01 2.74 -12.37
CA ALA A 213 3.25 2.84 -13.14
C ALA A 213 3.65 1.48 -13.72
N ASP A 214 3.50 0.41 -12.94
CA ASP A 214 3.79 -0.92 -13.45
C ASP A 214 2.85 -1.30 -14.59
N LEU A 215 1.56 -0.98 -14.44
CA LEU A 215 0.61 -1.25 -15.51
C LEU A 215 0.95 -0.48 -16.77
N GLU A 216 1.32 0.80 -16.64
CA GLU A 216 1.72 1.60 -17.78
C GLU A 216 3.00 1.09 -18.44
N ASP A 217 3.97 0.65 -17.65
CA ASP A 217 5.19 0.07 -18.21
C ASP A 217 4.89 -1.22 -18.97
N ASN A 218 4.05 -2.09 -18.40
CA ASN A 218 3.68 -3.31 -19.09
C ASN A 218 2.91 -3.01 -20.37
N TRP A 219 2.02 -2.01 -20.35
CA TRP A 219 1.30 -1.63 -21.55
C TRP A 219 2.24 -1.09 -22.61
N GLU A 220 3.21 -0.27 -22.22
CA GLU A 220 4.17 0.29 -23.17
C GLU A 220 5.03 -0.82 -23.77
N THR A 221 5.44 -1.79 -22.96
CA THR A 221 6.20 -2.92 -23.49
C THR A 221 5.38 -3.77 -24.45
N LEU A 222 4.11 -4.02 -24.11
CA LEU A 222 3.24 -4.79 -24.99
C LEU A 222 3.00 -4.06 -26.30
N ASN A 223 2.90 -2.73 -26.26
CA ASN A 223 2.73 -1.94 -27.47
C ASN A 223 4.00 -1.92 -28.32
N ASP A 224 5.17 -1.80 -27.68
CA ASP A 224 6.43 -1.83 -28.42
C ASP A 224 6.65 -3.20 -29.06
N ASN A 225 6.29 -4.27 -28.37
CA ASN A 225 6.39 -5.60 -28.97
C ASN A 225 5.38 -5.81 -30.09
N LEU A 226 4.15 -5.30 -29.92
CA LEU A 226 3.16 -5.43 -30.98
C LEU A 226 3.53 -4.61 -32.22
N LYS A 227 4.23 -3.49 -32.02
CA LYS A 227 4.70 -2.72 -33.17
C LYS A 227 5.71 -3.50 -34.00
N VAL A 228 6.58 -4.26 -33.33
CA VAL A 228 7.53 -5.10 -34.06
C VAL A 228 6.83 -6.31 -34.67
N ILE A 229 5.80 -6.82 -33.98
CA ILE A 229 5.02 -7.94 -34.52
C ILE A 229 4.34 -7.53 -35.82
N GLU A 230 3.79 -6.31 -35.86
CA GLU A 230 3.14 -5.84 -37.08
C GLU A 230 4.13 -5.71 -38.22
N LYS A 231 5.32 -5.17 -37.95
CA LYS A 231 6.39 -5.11 -38.94
C LYS A 231 7.25 -6.37 -38.85
N ALA A 232 6.65 -7.48 -39.25
CA ALA A 232 7.31 -8.77 -39.15
C ALA A 232 8.52 -8.83 -40.06
N ASP A 233 9.60 -9.43 -39.56
CA ASP A 233 10.82 -9.60 -40.32
C ASP A 233 10.89 -11.00 -40.91
N ASN A 234 11.62 -11.12 -42.03
CA ASN A 234 11.75 -12.40 -42.72
C ASN A 234 12.72 -13.33 -41.99
N ALA A 235 13.28 -12.87 -40.88
CA ALA A 235 14.23 -13.65 -40.10
C ALA A 235 13.57 -14.34 -38.91
N ALA A 236 12.25 -14.52 -38.95
CA ALA A 236 11.50 -15.21 -37.90
C ALA A 236 11.72 -14.56 -36.53
N GLN A 237 11.49 -13.25 -36.46
CA GLN A 237 11.65 -12.50 -35.23
C GLN A 237 10.37 -12.43 -34.40
N VAL A 238 9.35 -13.23 -34.73
CA VAL A 238 8.09 -13.17 -34.01
C VAL A 238 8.26 -13.72 -32.59
N LYS A 239 9.05 -14.78 -32.44
CA LYS A 239 9.21 -15.41 -31.14
C LYS A 239 9.97 -14.50 -30.17
N ASP A 240 11.01 -13.83 -30.67
CA ASP A 240 11.79 -12.94 -29.80
C ASP A 240 10.96 -11.77 -29.31
N ALA A 241 10.02 -11.28 -30.12
CA ALA A 241 9.16 -10.18 -29.70
C ALA A 241 8.04 -10.67 -28.78
N LEU A 242 7.50 -11.85 -29.06
CA LEU A 242 6.43 -12.40 -28.23
C LEU A 242 6.92 -12.89 -26.87
N THR A 243 8.16 -13.30 -26.77
CA THR A 243 8.68 -13.77 -25.51
C THR A 243 8.48 -12.62 -24.55
N LYS A 244 8.88 -11.43 -24.98
CA LYS A 244 8.71 -10.25 -24.15
C LYS A 244 7.24 -9.96 -23.91
N MET A 245 6.41 -10.16 -24.93
CA MET A 245 4.97 -9.92 -24.80
C MET A 245 4.33 -10.82 -23.74
N ARG A 246 4.73 -12.09 -23.69
CA ARG A 246 4.20 -12.99 -22.69
C ARG A 246 4.60 -12.52 -21.31
N ALA A 247 5.84 -12.09 -21.17
CA ALA A 247 6.32 -11.64 -19.87
C ALA A 247 5.54 -10.41 -19.44
N ALA A 248 5.28 -9.51 -20.37
CA ALA A 248 4.55 -8.30 -20.05
C ALA A 248 3.14 -8.61 -19.58
N ALA A 249 2.50 -9.56 -20.26
CA ALA A 249 1.12 -9.87 -19.93
C ALA A 249 1.04 -10.48 -18.55
N LEU A 250 1.95 -11.38 -18.24
CA LEU A 250 1.94 -12.08 -16.96
C LEU A 250 2.19 -11.12 -15.81
N ASP A 251 3.02 -10.09 -16.03
CA ASP A 251 3.28 -9.12 -14.98
C ASP A 251 2.08 -8.21 -14.76
N ALA A 252 1.40 -7.82 -15.84
CA ALA A 252 0.24 -6.95 -15.70
C ALA A 252 -0.98 -7.70 -15.20
N GLN A 253 -1.02 -9.03 -15.38
CA GLN A 253 -2.16 -9.81 -14.92
C GLN A 253 -2.19 -9.89 -13.40
N LYS A 254 -1.02 -9.97 -12.76
CA LYS A 254 -0.93 -10.11 -11.32
C LYS A 254 -1.12 -8.80 -10.57
N ALA A 255 -1.38 -7.69 -11.28
CA ALA A 255 -1.59 -6.39 -10.65
C ALA A 255 -3.06 -6.26 -10.28
N THR A 256 -3.40 -6.77 -9.09
CA THR A 256 -4.78 -6.72 -8.62
C THR A 256 -5.13 -5.30 -8.16
N PRO A 257 -6.22 -4.72 -8.67
CA PRO A 257 -6.68 -3.38 -8.29
C PRO A 257 -7.00 -3.27 -6.80
N SER A 267 -14.61 -11.79 -6.90
CA SER A 267 -15.51 -10.76 -7.37
C SER A 267 -15.62 -10.80 -8.89
N PRO A 268 -16.83 -10.51 -9.41
CA PRO A 268 -17.00 -10.51 -10.87
C PRO A 268 -16.13 -9.49 -11.58
N GLU A 269 -15.89 -8.34 -10.96
CA GLU A 269 -15.05 -7.32 -11.58
C GLU A 269 -13.61 -7.79 -11.73
N MET A 270 -13.11 -8.56 -10.77
CA MET A 270 -11.76 -9.11 -10.89
C MET A 270 -11.70 -10.22 -11.94
N LYS A 271 -12.78 -10.99 -12.07
CA LYS A 271 -12.83 -12.03 -13.09
C LYS A 271 -12.88 -11.44 -14.49
N ASP A 272 -13.57 -10.31 -14.64
CA ASP A 272 -13.57 -9.64 -15.94
C ASP A 272 -12.13 -9.34 -16.33
N PHE A 273 -11.39 -8.73 -15.42
CA PHE A 273 -9.99 -8.40 -15.69
C PHE A 273 -9.12 -9.64 -15.92
N ARG A 274 -9.25 -10.62 -15.05
CA ARG A 274 -8.44 -11.83 -15.18
C ARG A 274 -8.74 -12.63 -16.42
N HIS A 275 -10.02 -12.79 -16.73
CA HIS A 275 -10.41 -13.58 -17.89
C HIS A 275 -9.90 -12.92 -19.16
N GLY A 276 -9.98 -11.60 -19.22
CA GLY A 276 -9.55 -10.89 -20.41
C GLY A 276 -8.08 -11.13 -20.61
N PHE A 277 -7.31 -11.07 -19.52
CA PHE A 277 -5.88 -11.36 -19.63
C PHE A 277 -5.59 -12.80 -20.03
N ASP A 278 -6.35 -13.74 -19.50
CA ASP A 278 -6.15 -15.14 -19.84
C ASP A 278 -6.38 -15.34 -21.31
N ILE A 279 -7.41 -14.70 -21.85
CA ILE A 279 -7.69 -14.81 -23.27
C ILE A 279 -6.51 -14.24 -24.02
N LEU A 280 -6.04 -13.07 -23.61
CA LEU A 280 -4.95 -12.42 -24.32
C LEU A 280 -3.70 -13.30 -24.33
N VAL A 281 -3.38 -13.90 -23.19
CA VAL A 281 -2.20 -14.76 -23.11
C VAL A 281 -2.38 -16.00 -23.99
N GLY A 282 -3.60 -16.54 -24.05
CA GLY A 282 -3.85 -17.68 -24.92
C GLY A 282 -3.74 -17.32 -26.39
N GLN A 283 -4.19 -16.11 -26.75
CA GLN A 283 -4.01 -15.63 -28.12
C GLN A 283 -2.54 -15.50 -28.47
N ILE A 284 -1.74 -14.92 -27.58
CA ILE A 284 -0.30 -14.83 -27.84
C ILE A 284 0.32 -16.22 -27.90
N ASP A 285 -0.18 -17.15 -27.08
CA ASP A 285 0.36 -18.51 -27.06
C ASP A 285 0.10 -19.23 -28.37
N ASP A 286 -1.09 -19.08 -28.94
CA ASP A 286 -1.35 -19.71 -30.23
C ASP A 286 -0.63 -19.00 -31.37
N ALA A 287 -0.46 -17.70 -31.25
CA ALA A 287 0.29 -16.96 -32.28
C ALA A 287 1.72 -17.46 -32.29
N LEU A 288 2.27 -17.68 -31.11
CA LEU A 288 3.64 -18.16 -30.99
C LEU A 288 3.80 -19.53 -31.60
N LYS A 289 2.81 -20.40 -31.40
CA LYS A 289 2.91 -21.77 -31.89
C LYS A 289 3.53 -21.95 -33.27
N LEU A 290 3.15 -21.14 -34.25
CA LEU A 290 3.66 -21.34 -35.58
C LEU A 290 5.18 -21.16 -35.62
N ALA A 291 5.67 -20.09 -35.00
CA ALA A 291 7.11 -19.88 -34.91
C ALA A 291 7.81 -20.91 -34.02
N ASN A 292 7.21 -21.22 -32.88
CA ASN A 292 7.81 -22.16 -31.92
C ASN A 292 7.93 -23.56 -32.50
N GLU A 293 6.92 -23.99 -33.26
CA GLU A 293 6.95 -25.31 -33.87
C GLU A 293 8.09 -25.40 -34.85
N GLY A 294 8.41 -24.30 -35.53
CA GLY A 294 9.43 -24.35 -36.56
C GLY A 294 8.72 -24.58 -37.87
N LYS A 295 7.39 -24.50 -37.84
CA LYS A 295 6.61 -24.68 -39.05
C LYS A 295 6.97 -23.59 -40.04
N VAL A 296 6.99 -23.92 -41.32
CA VAL A 296 7.41 -22.95 -42.33
C VAL A 296 6.48 -21.74 -42.36
N LYS A 297 5.19 -21.96 -42.19
CA LYS A 297 4.25 -20.85 -42.25
C LYS A 297 3.97 -20.26 -40.88
N GLU A 298 4.25 -18.96 -40.73
CA GLU A 298 3.97 -18.28 -39.47
C GLU A 298 2.66 -17.54 -39.61
N ALA A 299 1.97 -17.74 -40.74
CA ALA A 299 0.69 -17.07 -41.01
C ALA A 299 0.85 -15.56 -40.96
N GLN A 300 1.96 -15.07 -41.48
CA GLN A 300 2.22 -13.63 -41.51
C GLN A 300 2.06 -12.96 -40.16
N ALA A 301 2.61 -13.58 -39.11
CA ALA A 301 2.57 -12.96 -37.80
C ALA A 301 1.16 -12.56 -37.44
N ALA A 302 0.21 -13.49 -37.48
CA ALA A 302 -1.17 -13.13 -37.27
C ALA A 302 -1.47 -12.96 -35.79
N ALA A 303 -1.03 -11.84 -35.23
CA ALA A 303 -1.30 -11.53 -33.85
C ALA A 303 -1.92 -10.16 -33.88
N GLU A 304 -2.54 -9.80 -35.00
CA GLU A 304 -3.21 -8.51 -35.08
C GLU A 304 -4.44 -8.49 -34.19
N GLN A 305 -5.11 -9.63 -34.06
CA GLN A 305 -6.33 -9.72 -33.27
C GLN A 305 -6.13 -9.23 -31.84
N LEU A 306 -4.88 -9.13 -31.38
CA LEU A 306 -4.62 -8.55 -30.07
C LEU A 306 -5.13 -7.12 -29.99
N LYS A 307 -5.09 -6.39 -31.12
CA LYS A 307 -5.65 -5.04 -31.13
C LYS A 307 -7.14 -5.05 -30.82
N THR A 308 -7.85 -6.13 -31.16
CA THR A 308 -9.25 -6.24 -30.78
C THR A 308 -9.40 -6.45 -29.28
N THR A 309 -8.42 -7.07 -28.64
CA THR A 309 -8.46 -7.29 -27.20
C THR A 309 -7.79 -6.16 -26.43
N ARG A 310 -6.81 -5.48 -27.05
CA ARG A 310 -6.08 -4.42 -26.35
C ARG A 310 -6.96 -3.21 -26.08
N ASN A 311 -7.82 -2.85 -27.02
CA ASN A 311 -8.61 -1.63 -26.92
C ASN A 311 -10.05 -1.88 -26.47
N ALA A 312 -10.41 -3.12 -26.16
CA ALA A 312 -11.78 -3.44 -25.77
C ALA A 312 -11.87 -3.99 -24.35
N TYR A 313 -11.08 -5.01 -24.01
CA TYR A 313 -11.20 -5.67 -22.72
C TYR A 313 -10.30 -5.02 -21.67
N ILE A 314 -9.00 -4.95 -21.94
CA ILE A 314 -8.05 -4.42 -20.95
C ILE A 314 -7.98 -2.90 -20.95
N GLN A 315 -8.70 -2.24 -21.87
CA GLN A 315 -8.73 -0.77 -21.87
C GLN A 315 -9.56 -0.21 -20.73
N LYS A 316 -10.59 -0.95 -20.28
CA LYS A 316 -11.47 -0.48 -19.22
C LYS A 316 -10.68 -0.20 -17.94
N TYR A 317 -9.90 -1.17 -17.48
CA TYR A 317 -9.10 -0.97 -16.28
C TYR A 317 -7.98 0.04 -16.50
N LEU A 318 -7.41 0.09 -17.70
CA LEU A 318 -6.36 1.08 -17.97
C LEU A 318 -6.90 2.50 -17.84
N GLU A 319 -8.17 2.71 -18.17
CA GLU A 319 -8.74 4.04 -17.98
C GLU A 319 -9.28 4.19 -16.56
N ARG A 320 -9.93 3.15 -16.05
CA ARG A 320 -10.52 3.22 -14.71
C ARG A 320 -9.51 3.42 -13.59
N ALA A 321 -8.41 2.67 -13.63
CA ALA A 321 -7.43 2.78 -12.56
C ALA A 321 -6.79 4.14 -12.58
N ARG A 322 -6.63 4.70 -13.78
CA ARG A 322 -6.01 6.00 -13.90
C ARG A 322 -6.87 7.05 -13.20
N SER A 323 -8.18 6.96 -13.38
CA SER A 323 -9.08 7.89 -12.73
C SER A 323 -9.01 7.73 -11.22
N THR A 324 -8.85 6.50 -10.75
CA THR A 324 -8.76 6.26 -9.32
C THR A 324 -7.55 6.95 -8.74
N LEU A 325 -6.43 6.95 -9.46
CA LEU A 325 -5.25 7.66 -8.98
C LEU A 325 -5.55 9.15 -8.87
N GLN A 326 -6.28 9.67 -9.85
CA GLN A 326 -6.63 11.09 -9.81
C GLN A 326 -7.49 11.39 -8.61
N ARG A 327 -8.42 10.50 -8.29
CA ARG A 327 -9.25 10.69 -7.11
C ARG A 327 -8.42 10.71 -5.84
N GLU A 328 -7.42 9.84 -5.74
CA GLU A 328 -6.55 9.82 -4.57
C GLU A 328 -5.72 11.09 -4.43
N HIS A 329 -5.33 11.68 -5.55
CA HIS A 329 -4.53 12.89 -5.50
C HIS A 329 -5.29 14.13 -5.03
N VAL A 330 -6.53 14.29 -5.48
CA VAL A 330 -7.34 15.43 -5.05
C VAL A 330 -7.59 15.29 -3.57
N GLU A 331 -8.03 14.12 -3.15
CA GLU A 331 -8.24 13.82 -1.74
C GLU A 331 -6.99 14.17 -0.91
N LEU A 332 -5.81 13.86 -1.45
CA LEU A 332 -4.58 14.18 -0.74
C LEU A 332 -4.40 15.69 -0.61
N LEU A 333 -4.72 16.43 -1.67
CA LEU A 333 -4.60 17.89 -1.61
C LEU A 333 -5.59 18.49 -0.62
N ARG A 334 -6.82 17.95 -0.59
CA ARG A 334 -7.81 18.44 0.37
C ARG A 334 -7.39 18.14 1.80
N ALA A 335 -6.85 16.95 2.05
CA ALA A 335 -6.37 16.61 3.39
C ALA A 335 -5.19 17.49 3.77
N ARG A 336 -4.31 17.80 2.80
CA ARG A 336 -3.19 18.69 3.08
C ARG A 336 -3.68 20.09 3.44
N ARG A 337 -4.67 20.59 2.71
CA ARG A 337 -5.23 21.90 3.02
C ARG A 337 -5.86 21.93 4.41
N LEU A 338 -6.64 20.89 4.74
CA LEU A 338 -7.27 20.83 6.05
C LEU A 338 -6.23 20.72 7.16
N ALA A 339 -5.18 19.94 6.94
CA ALA A 339 -4.13 19.80 7.93
C ALA A 339 -3.38 21.11 8.13
N LYS A 340 -3.10 21.83 7.04
CA LYS A 340 -2.44 23.13 7.17
C LYS A 340 -3.33 24.12 7.88
N SER A 341 -4.64 24.08 7.63
CA SER A 341 -5.56 24.98 8.34
C SER A 341 -5.56 24.68 9.84
N LEU A 342 -5.70 23.40 10.20
CA LEU A 342 -5.66 23.04 11.61
C LEU A 342 -4.33 23.40 12.24
N ALA A 343 -3.23 23.24 11.48
CA ALA A 343 -1.91 23.54 12.01
C ALA A 343 -1.74 25.03 12.27
N ILE A 344 -2.19 25.88 11.35
CA ILE A 344 -2.04 27.31 11.56
C ILE A 344 -2.98 27.79 12.67
N LEU A 345 -4.16 27.19 12.79
CA LEU A 345 -5.05 27.55 13.89
C LEU A 345 -4.41 27.18 15.24
N LEU A 346 -3.88 25.97 15.34
CA LEU A 346 -3.22 25.54 16.56
C LEU A 346 -1.97 26.37 16.84
N GLY A 347 -1.27 26.79 15.80
CA GLY A 347 -0.09 27.62 15.99
C GLY A 347 -0.44 29.01 16.51
N VAL A 348 -1.49 29.61 15.97
CA VAL A 348 -1.94 30.91 16.50
C VAL A 348 -2.40 30.75 17.94
N PHE A 349 -3.15 29.69 18.24
CA PHE A 349 -3.59 29.45 19.60
C PHE A 349 -2.40 29.29 20.55
N ALA A 350 -1.37 28.57 20.11
CA ALA A 350 -0.20 28.35 20.96
C ALA A 350 0.58 29.65 21.17
N VAL A 351 0.77 30.41 20.09
CA VAL A 351 1.51 31.67 20.19
C VAL A 351 0.78 32.65 21.10
N CYS A 352 -0.55 32.59 21.13
CA CYS A 352 -1.30 33.49 22.01
C CYS A 352 -1.34 32.98 23.45
N TRP A 353 -1.36 31.66 23.63
CA TRP A 353 -1.53 31.10 24.96
C TRP A 353 -0.21 31.03 25.73
N ALA A 354 0.90 30.85 25.02
CA ALA A 354 2.19 30.65 25.67
C ALA A 354 2.63 31.80 26.56
N PRO A 355 2.49 33.09 26.18
CA PRO A 355 2.91 34.16 27.10
C PRO A 355 2.25 34.11 28.46
N TYR A 356 0.99 33.65 28.53
CA TYR A 356 0.35 33.51 29.83
C TYR A 356 0.97 32.38 30.63
N SER A 357 1.20 31.23 30.00
CA SER A 357 1.79 30.09 30.68
C SER A 357 3.26 30.32 31.04
N LEU A 358 3.92 31.28 30.40
CA LEU A 358 5.30 31.63 30.72
C LEU A 358 5.39 32.75 31.75
N PHE A 359 4.26 33.34 32.13
CA PHE A 359 4.24 34.40 33.12
C PHE A 359 3.52 34.02 34.41
N THR A 360 3.06 32.77 34.53
CA THR A 360 2.38 32.32 35.75
C THR A 360 3.02 31.11 36.40
N ILE A 361 3.74 30.26 35.67
CA ILE A 361 4.44 29.14 36.27
C ILE A 361 5.91 29.45 36.54
N VAL A 362 6.45 30.50 35.93
CA VAL A 362 7.82 30.95 36.22
C VAL A 362 7.85 32.04 37.28
N LEU A 363 6.77 32.77 37.47
CA LEU A 363 6.68 33.79 38.51
C LEU A 363 5.94 33.31 39.74
N SER A 364 5.65 32.00 39.83
CA SER A 364 4.99 31.44 40.99
C SER A 364 5.89 31.35 42.21
N PHE A 365 7.19 31.63 42.06
CA PHE A 365 8.10 31.62 43.20
C PHE A 365 7.75 32.73 44.19
N TYR A 366 7.28 33.88 43.67
CA TYR A 366 6.87 34.99 44.51
C TYR A 366 5.57 35.55 43.98
N SER A 367 4.50 35.45 44.79
CA SER A 367 3.20 35.95 44.39
C SER A 367 2.47 36.68 45.52
N SER A 368 3.10 36.88 46.66
CA SER A 368 2.43 37.53 47.79
C SER A 368 2.26 39.02 47.53
N ALA A 369 3.34 39.70 47.17
CA ALA A 369 3.28 41.14 46.89
C ALA A 369 3.98 41.48 45.58
N THR A 370 3.25 42.21 44.72
CA THR A 370 3.68 42.62 43.37
C THR A 370 4.27 41.56 42.47
N GLY A 371 4.01 40.31 42.77
CA GLY A 371 4.50 39.24 41.92
C GLY A 371 3.68 39.16 40.63
N PRO A 372 2.36 38.74 40.69
CA PRO A 372 1.67 38.75 39.39
C PRO A 372 1.21 40.11 38.91
N LYS A 373 1.58 41.19 39.60
CA LYS A 373 1.15 42.54 39.24
C LYS A 373 2.19 43.18 38.35
N SER A 374 1.95 43.15 37.04
CA SER A 374 2.86 43.75 36.08
C SER A 374 2.11 44.07 34.80
N VAL A 375 2.77 44.82 33.91
CA VAL A 375 2.12 45.22 32.66
C VAL A 375 2.05 44.05 31.68
N TRP A 376 3.14 43.27 31.60
CA TRP A 376 3.18 42.18 30.63
C TRP A 376 2.16 41.08 30.92
N TYR A 377 1.81 40.91 32.20
CA TYR A 377 0.87 39.86 32.57
C TYR A 377 -0.50 40.31 32.13
N ARG A 378 -0.80 41.59 32.31
CA ARG A 378 -2.06 42.12 31.83
C ARG A 378 -2.10 42.02 30.31
N ILE A 379 -0.97 42.29 29.67
CA ILE A 379 -0.88 42.17 28.21
C ILE A 379 -1.15 40.72 27.81
N ALA A 380 -0.62 39.78 28.58
CA ALA A 380 -0.86 38.37 28.29
C ALA A 380 -2.34 38.04 28.39
N PHE A 381 -3.04 38.60 29.38
CA PHE A 381 -4.45 38.33 29.56
C PHE A 381 -5.18 38.81 28.32
N TRP A 382 -4.79 39.99 27.85
CA TRP A 382 -5.39 40.52 26.64
C TRP A 382 -5.07 39.65 25.44
N LEU A 383 -3.87 39.09 25.38
CA LEU A 383 -3.48 38.27 24.24
C LEU A 383 -4.35 37.04 24.07
N GLN A 384 -4.75 36.40 25.16
CA GLN A 384 -5.67 35.28 25.01
C GLN A 384 -6.99 35.73 24.44
N TRP A 385 -7.49 36.88 24.88
CA TRP A 385 -8.72 37.41 24.31
C TRP A 385 -8.51 37.74 22.84
N PHE A 386 -7.33 38.25 22.49
CA PHE A 386 -7.03 38.58 21.10
C PHE A 386 -7.04 37.36 20.18
N ASN A 387 -6.57 36.21 20.67
CA ASN A 387 -6.65 35.00 19.86
C ASN A 387 -8.06 34.88 19.37
N SER A 388 -9.01 35.15 20.23
CA SER A 388 -10.42 35.05 19.87
C SER A 388 -10.89 36.20 18.99
N PHE A 389 -10.16 37.33 18.99
CA PHE A 389 -10.49 38.42 18.09
C PHE A 389 -10.11 38.10 16.65
N VAL A 390 -8.96 37.46 16.46
CA VAL A 390 -8.48 37.16 15.11
C VAL A 390 -9.10 35.87 14.59
N ASN A 391 -9.58 35.00 15.50
CA ASN A 391 -10.22 33.76 15.08
C ASN A 391 -11.31 33.95 14.03
N PRO A 392 -12.28 34.86 14.18
CA PRO A 392 -13.24 35.06 13.08
C PRO A 392 -12.65 35.81 11.90
N LEU A 393 -11.47 36.40 12.06
CA LEU A 393 -10.81 37.06 10.93
C LEU A 393 -10.12 36.05 10.03
N LEU A 394 -9.48 35.04 10.62
CA LEU A 394 -8.82 33.98 9.87
C LEU A 394 -9.75 32.79 9.60
N TYR A 395 -10.97 32.82 10.14
CA TYR A 395 -11.92 31.74 9.83
C TYR A 395 -12.34 31.71 8.36
N PRO A 396 -12.64 32.83 7.70
CA PRO A 396 -12.97 32.74 6.26
C PRO A 396 -11.81 32.34 5.38
N LEU A 397 -10.60 32.25 5.92
CA LEU A 397 -9.45 31.83 5.11
C LEU A 397 -9.60 30.38 4.67
N CYS A 398 -10.31 29.57 5.46
CA CYS A 398 -10.49 28.17 5.09
C CYS A 398 -11.46 28.02 3.92
N HIS A 399 -12.60 28.70 3.99
CA HIS A 399 -13.61 28.64 2.94
C HIS A 399 -14.00 30.04 2.53
N LYS A 400 -13.88 30.38 1.25
CA LYS A 400 -14.14 31.76 0.84
C LYS A 400 -15.60 32.04 0.59
N ARG A 401 -16.45 31.07 0.90
CA ARG A 401 -17.88 31.25 0.67
C ARG A 401 -18.40 32.40 1.49
N PHE A 402 -17.96 32.48 2.75
CA PHE A 402 -18.39 33.56 3.62
C PHE A 402 -18.02 34.91 3.01
N GLN A 403 -16.86 34.98 2.36
CA GLN A 403 -16.41 36.24 1.77
C GLN A 403 -17.29 36.65 0.60
N LYS A 404 -17.67 35.69 -0.25
CA LYS A 404 -18.52 36.00 -1.38
C LYS A 404 -19.95 36.29 -0.96
N ALA A 405 -20.42 35.65 0.11
CA ALA A 405 -21.79 35.85 0.59
C ALA A 405 -21.79 36.67 1.87
N SER B 2 15.88 -16.31 -29.55
CA SER B 2 16.95 -16.48 -28.58
C SER B 2 16.48 -17.32 -27.40
N ASP B 3 17.43 -17.80 -26.60
CA ASP B 3 17.15 -18.62 -25.43
C ASP B 3 17.53 -17.83 -24.17
N ILE B 4 16.55 -17.56 -23.32
CA ILE B 4 16.80 -16.85 -22.08
C ILE B 4 17.67 -17.71 -21.16
N GLN B 5 18.76 -17.14 -20.69
CA GLN B 5 19.75 -17.85 -19.89
C GLN B 5 19.44 -17.69 -18.42
N MET B 6 19.44 -18.79 -17.68
CA MET B 6 19.22 -18.80 -16.25
C MET B 6 20.55 -18.98 -15.53
N THR B 7 21.00 -17.94 -14.84
CA THR B 7 22.26 -18.02 -14.10
C THR B 7 22.01 -18.23 -12.62
N GLN B 8 22.57 -19.29 -12.06
CA GLN B 8 22.43 -19.53 -10.63
C GLN B 8 23.74 -19.08 -10.01
N SER B 9 23.69 -18.07 -9.16
CA SER B 9 24.93 -17.51 -8.60
C SER B 9 25.77 -18.47 -7.74
N PRO B 10 25.16 -19.20 -6.81
CA PRO B 10 25.99 -20.16 -6.09
C PRO B 10 26.19 -21.41 -6.94
N SER B 11 27.29 -22.12 -6.77
CA SER B 11 27.50 -23.37 -7.49
C SER B 11 27.89 -24.40 -6.47
N SER B 12 28.55 -23.96 -5.41
CA SER B 12 28.96 -24.87 -4.34
C SER B 12 28.89 -24.12 -3.03
N LEU B 13 28.26 -24.76 -2.04
CA LEU B 13 28.04 -24.11 -0.75
C LEU B 13 27.94 -25.17 0.33
N SER B 14 28.47 -24.85 1.51
CA SER B 14 28.43 -25.73 2.66
C SER B 14 28.11 -24.92 3.91
N ALA B 15 27.25 -25.46 4.76
CA ALA B 15 26.85 -24.78 5.98
C ALA B 15 26.51 -25.80 7.04
N SER B 16 26.61 -25.38 8.30
CA SER B 16 26.29 -26.26 9.41
C SER B 16 24.79 -26.53 9.47
N VAL B 17 24.43 -27.65 10.09
CA VAL B 17 23.03 -28.02 10.19
C VAL B 17 22.28 -27.02 11.05
N GLY B 18 21.22 -26.44 10.48
CA GLY B 18 20.43 -25.47 11.20
C GLY B 18 20.81 -24.02 10.97
N ASP B 19 21.27 -23.67 9.78
CA ASP B 19 21.67 -22.31 9.46
C ASP B 19 20.91 -21.83 8.23
N ARG B 20 21.08 -20.54 7.92
CA ARG B 20 20.39 -19.93 6.79
C ARG B 20 21.19 -20.13 5.51
N VAL B 21 20.48 -20.51 4.44
CA VAL B 21 21.09 -20.72 3.13
C VAL B 21 20.28 -19.92 2.11
N THR B 22 20.94 -19.00 1.42
CA THR B 22 20.31 -18.16 0.42
C THR B 22 20.92 -18.43 -0.94
N ILE B 23 20.09 -18.86 -1.89
CA ILE B 23 20.51 -19.12 -3.27
C ILE B 23 19.83 -18.11 -4.18
N THR B 24 20.58 -17.62 -5.17
CA THR B 24 20.10 -16.56 -6.05
C THR B 24 20.14 -17.03 -7.50
N CYS B 25 19.06 -16.71 -8.23
CA CYS B 25 18.96 -17.01 -9.65
C CYS B 25 18.55 -15.74 -10.39
N ARG B 26 19.10 -15.57 -11.60
CA ARG B 26 18.82 -14.40 -12.41
C ARG B 26 18.57 -14.84 -13.85
N ALA B 27 17.85 -14.01 -14.60
CA ALA B 27 17.57 -14.27 -16.00
C ALA B 27 17.92 -13.03 -16.82
N SER B 28 18.34 -13.25 -18.06
CA SER B 28 18.69 -12.12 -18.93
C SER B 28 17.46 -11.30 -19.28
N GLN B 29 16.39 -11.96 -19.73
CA GLN B 29 15.14 -11.30 -20.06
C GLN B 29 14.20 -11.40 -18.87
N SER B 30 13.45 -10.32 -18.63
CA SER B 30 12.55 -10.27 -17.48
C SER B 30 11.49 -11.36 -17.57
N VAL B 31 11.32 -12.10 -16.47
CA VAL B 31 10.30 -13.13 -16.35
C VAL B 31 9.40 -12.78 -15.17
N SER B 32 8.11 -13.08 -15.33
CA SER B 32 7.11 -12.74 -14.33
C SER B 32 6.58 -14.03 -13.71
N SER B 33 7.09 -14.37 -12.52
CA SER B 33 6.62 -15.52 -11.75
C SER B 33 6.65 -16.80 -12.59
N ALA B 34 7.73 -16.99 -13.34
CA ALA B 34 7.89 -18.16 -14.19
C ALA B 34 9.16 -18.94 -13.87
N VAL B 35 9.72 -18.77 -12.68
CA VAL B 35 10.91 -19.48 -12.25
C VAL B 35 10.57 -20.31 -11.04
N ALA B 36 10.85 -21.61 -11.11
CA ALA B 36 10.58 -22.55 -10.03
C ALA B 36 11.88 -23.19 -9.55
N TRP B 37 11.86 -23.64 -8.30
CA TRP B 37 13.03 -24.25 -7.67
C TRP B 37 12.81 -25.75 -7.59
N TYR B 38 13.85 -26.53 -7.91
CA TYR B 38 13.78 -27.98 -7.89
C TYR B 38 14.96 -28.56 -7.13
N GLN B 39 14.71 -29.71 -6.49
CA GLN B 39 15.72 -30.40 -5.70
C GLN B 39 15.95 -31.80 -6.27
N GLN B 40 17.21 -32.14 -6.53
CA GLN B 40 17.57 -33.43 -7.08
C GLN B 40 18.65 -34.07 -6.21
N LYS B 41 18.40 -35.32 -5.81
CA LYS B 41 19.34 -36.15 -5.07
C LYS B 41 19.95 -37.19 -6.01
N PRO B 42 21.17 -37.66 -5.72
CA PRO B 42 21.78 -38.67 -6.59
C PRO B 42 20.98 -39.97 -6.57
N GLY B 43 20.41 -40.31 -7.73
CA GLY B 43 19.61 -41.50 -7.87
C GLY B 43 18.11 -41.30 -7.79
N LYS B 44 17.64 -40.05 -7.79
CA LYS B 44 16.21 -39.75 -7.72
C LYS B 44 15.85 -38.72 -8.78
N ALA B 45 14.61 -38.26 -8.75
CA ALA B 45 14.16 -37.29 -9.75
C ALA B 45 14.07 -35.90 -9.15
N PRO B 46 14.12 -34.86 -9.98
CA PRO B 46 13.94 -33.51 -9.43
C PRO B 46 12.55 -33.35 -8.84
N LYS B 47 12.43 -32.64 -7.72
CA LYS B 47 11.15 -32.46 -7.07
C LYS B 47 10.79 -30.99 -6.95
N LEU B 48 9.57 -30.63 -7.34
CA LEU B 48 9.12 -29.25 -7.20
C LEU B 48 9.00 -28.89 -5.73
N LEU B 49 9.46 -27.70 -5.37
CA LEU B 49 9.28 -27.24 -3.99
C LEU B 49 8.60 -25.89 -4.09
N ILE B 50 9.34 -24.91 -4.59
CA ILE B 50 8.79 -23.56 -4.73
C ILE B 50 8.35 -23.41 -6.18
N TYR B 51 7.06 -23.22 -6.42
CA TYR B 51 6.58 -22.94 -7.77
C TYR B 51 6.31 -21.45 -7.84
N SER B 52 5.79 -20.96 -8.97
CA SER B 52 5.45 -19.54 -9.07
C SER B 52 6.67 -18.70 -8.80
N ALA B 53 6.62 -17.84 -7.80
CA ALA B 53 7.80 -17.06 -7.42
C ALA B 53 8.14 -17.22 -5.94
N SER B 54 7.12 -17.24 -5.09
CA SER B 54 7.32 -17.36 -3.64
C SER B 54 6.44 -18.39 -2.96
N SER B 55 5.89 -19.35 -3.70
CA SER B 55 4.93 -20.27 -3.07
C SER B 55 5.27 -21.75 -3.07
N LEU B 56 4.79 -22.49 -2.07
CA LEU B 56 5.11 -23.91 -1.95
C LEU B 56 4.04 -24.91 -2.38
N TYR B 57 4.45 -25.95 -3.11
CA TYR B 57 3.51 -27.00 -3.53
C TYR B 57 3.30 -27.99 -2.39
N SER B 58 2.09 -28.54 -2.31
CA SER B 58 1.75 -29.48 -1.25
C SER B 58 2.71 -30.66 -1.24
N GLY B 59 3.19 -30.99 -0.04
CA GLY B 59 4.20 -32.04 0.13
C GLY B 59 5.56 -31.53 0.54
N VAL B 60 5.76 -30.23 0.69
CA VAL B 60 7.04 -29.66 1.08
C VAL B 60 6.84 -28.82 2.33
N PRO B 61 7.62 -29.04 3.39
CA PRO B 61 7.43 -28.26 4.63
C PRO B 61 7.66 -26.77 4.44
N SER B 62 7.25 -25.97 5.41
CA SER B 62 7.36 -24.51 5.28
C SER B 62 8.77 -23.94 5.39
N ARG B 63 9.75 -24.78 5.71
CA ARG B 63 11.11 -24.29 5.87
C ARG B 63 11.60 -23.73 4.56
N PHE B 64 11.27 -24.41 3.47
CA PHE B 64 11.65 -23.91 2.16
C PHE B 64 10.82 -22.68 1.85
N SER B 65 11.47 -21.62 1.38
CA SER B 65 10.79 -20.38 1.05
C SER B 65 11.43 -19.78 -0.20
N GLY B 66 10.99 -18.58 -0.57
CA GLY B 66 11.52 -17.91 -1.73
C GLY B 66 10.99 -16.50 -1.84
N SER B 67 11.59 -15.74 -2.74
CA SER B 67 11.17 -14.35 -2.95
C SER B 67 11.58 -13.92 -4.36
N ARG B 68 10.96 -12.84 -4.83
CA ARG B 68 11.19 -12.35 -6.17
C ARG B 68 11.33 -10.83 -6.13
N SER B 69 12.27 -10.32 -6.92
CA SER B 69 12.49 -8.88 -7.03
C SER B 69 13.04 -8.59 -8.41
N GLY B 70 12.22 -8.02 -9.28
CA GLY B 70 12.65 -7.76 -10.64
C GLY B 70 12.95 -9.05 -11.37
N THR B 71 14.23 -9.26 -11.67
CA THR B 71 14.69 -10.48 -12.32
C THR B 71 15.53 -11.35 -11.39
N ASP B 72 15.42 -11.12 -10.08
CA ASP B 72 16.20 -11.86 -9.08
C ASP B 72 15.27 -12.74 -8.27
N PHE B 73 15.56 -14.03 -8.24
CA PHE B 73 14.77 -14.99 -7.47
C PHE B 73 15.64 -15.59 -6.38
N THR B 74 15.06 -15.77 -5.20
CA THR B 74 15.82 -16.16 -4.02
C THR B 74 15.17 -17.36 -3.35
N LEU B 75 15.99 -18.37 -3.05
CA LEU B 75 15.59 -19.53 -2.27
C LEU B 75 16.22 -19.40 -0.89
N THR B 76 15.38 -19.35 0.14
CA THR B 76 15.82 -19.14 1.51
C THR B 76 15.45 -20.37 2.34
N ILE B 77 16.46 -21.07 2.84
CA ILE B 77 16.28 -22.20 3.75
C ILE B 77 16.75 -21.75 5.13
N SER B 78 15.81 -21.54 6.04
CA SER B 78 16.15 -21.00 7.35
C SER B 78 16.76 -22.08 8.25
N SER B 79 16.20 -23.28 8.23
CA SER B 79 16.64 -24.38 9.10
C SER B 79 17.08 -25.55 8.24
N LEU B 80 18.37 -25.85 8.25
CA LEU B 80 18.89 -26.97 7.49
C LEU B 80 18.62 -28.29 8.20
N GLN B 81 18.63 -29.38 7.46
CA GLN B 81 18.47 -30.71 8.06
C GLN B 81 19.20 -31.70 7.17
N PRO B 82 19.44 -32.93 7.66
CA PRO B 82 20.20 -33.84 6.81
C PRO B 82 19.52 -34.13 5.48
N GLU B 83 18.20 -34.27 5.49
CA GLU B 83 17.47 -34.60 4.27
C GLU B 83 17.58 -33.56 3.17
N ASP B 84 17.64 -32.28 3.53
CA ASP B 84 17.68 -31.21 2.52
C ASP B 84 19.05 -30.96 1.88
N PHE B 85 19.98 -31.89 2.00
CA PHE B 85 21.27 -31.71 1.35
C PHE B 85 21.22 -32.30 -0.04
N ALA B 86 21.04 -31.46 -1.05
CA ALA B 86 20.99 -31.93 -2.43
C ALA B 86 21.21 -30.80 -3.41
N THR B 87 21.35 -31.13 -4.68
CA THR B 87 21.49 -30.09 -5.69
C THR B 87 20.18 -29.34 -5.88
N TYR B 88 20.24 -28.03 -6.03
CA TYR B 88 19.04 -27.24 -6.26
C TYR B 88 19.10 -26.56 -7.61
N TYR B 89 18.06 -26.74 -8.42
CA TYR B 89 18.08 -26.18 -9.78
C TYR B 89 16.99 -25.15 -10.01
N CYS B 90 17.30 -24.08 -10.74
CA CYS B 90 16.28 -23.13 -11.12
C CYS B 90 15.79 -23.46 -12.52
N GLN B 91 14.49 -23.28 -12.75
CA GLN B 91 13.91 -23.61 -14.04
C GLN B 91 12.89 -22.55 -14.44
N GLN B 92 13.08 -21.99 -15.63
CA GLN B 92 12.16 -21.01 -16.19
C GLN B 92 11.23 -21.72 -17.18
N TYR B 93 9.93 -21.57 -16.95
CA TYR B 93 8.92 -22.17 -17.82
C TYR B 93 8.04 -21.11 -18.49
N LEU B 94 8.63 -20.02 -18.97
CA LEU B 94 7.86 -18.95 -19.59
C LEU B 94 7.04 -19.48 -20.77
N TYR B 95 7.56 -20.48 -21.47
CA TYR B 95 6.83 -21.11 -22.56
C TYR B 95 7.28 -22.56 -22.65
N TYR B 96 6.53 -23.34 -23.44
CA TYR B 96 6.86 -24.75 -23.63
C TYR B 96 8.24 -24.91 -24.27
N SER B 97 8.55 -24.09 -25.29
CA SER B 97 9.81 -24.18 -26.01
C SER B 97 10.87 -23.24 -25.45
N LEU B 98 10.65 -22.65 -24.28
CA LEU B 98 11.60 -21.73 -23.66
C LEU B 98 12.10 -22.22 -22.31
N VAL B 99 12.06 -23.53 -22.07
CA VAL B 99 12.51 -24.07 -20.79
C VAL B 99 14.03 -24.07 -20.75
N THR B 100 14.59 -23.53 -19.66
CA THR B 100 16.02 -23.46 -19.46
C THR B 100 16.31 -23.68 -17.98
N PHE B 101 17.04 -24.75 -17.66
CA PHE B 101 17.38 -25.09 -16.29
C PHE B 101 18.65 -24.35 -15.87
N GLY B 102 18.76 -24.06 -14.59
CA GLY B 102 19.92 -23.36 -14.08
C GLY B 102 21.14 -24.25 -13.95
N GLN B 103 22.20 -23.67 -13.39
CA GLN B 103 23.45 -24.41 -13.23
C GLN B 103 23.35 -25.46 -12.13
N GLY B 104 22.73 -25.10 -11.02
CA GLY B 104 22.61 -26.02 -9.90
C GLY B 104 23.56 -25.68 -8.77
N THR B 105 23.03 -25.74 -7.54
CA THR B 105 23.80 -25.46 -6.34
C THR B 105 23.76 -26.67 -5.41
N LYS B 106 24.93 -27.09 -4.95
CA LYS B 106 25.06 -28.22 -4.05
C LYS B 106 25.10 -27.73 -2.61
N VAL B 107 24.20 -28.23 -1.78
CA VAL B 107 24.13 -27.84 -0.37
C VAL B 107 24.35 -29.05 0.53
N VAL C 4 0.83 -39.54 -9.57
CA VAL C 4 1.06 -40.34 -10.76
C VAL C 4 2.55 -40.47 -11.06
N GLN C 5 2.99 -41.65 -11.49
CA GLN C 5 4.39 -41.86 -11.79
C GLN C 5 4.61 -42.16 -13.26
N LEU C 6 5.45 -41.37 -13.91
CA LEU C 6 5.69 -41.57 -15.33
C LEU C 6 6.88 -42.49 -15.46
N VAL C 7 6.64 -43.80 -15.50
CA VAL C 7 7.74 -44.76 -15.52
C VAL C 7 8.30 -44.84 -16.93
N GLU C 8 9.60 -45.07 -17.04
CA GLU C 8 10.29 -45.20 -18.32
C GLU C 8 10.77 -46.64 -18.47
N SER C 9 10.65 -47.18 -19.68
CA SER C 9 11.07 -48.54 -19.98
C SER C 9 11.93 -48.63 -21.23
N GLY C 10 12.69 -47.57 -21.53
CA GLY C 10 13.53 -47.57 -22.71
C GLY C 10 15.01 -47.63 -22.39
N GLY C 11 15.35 -48.20 -21.23
CA GLY C 11 16.75 -48.29 -20.85
C GLY C 11 17.49 -49.29 -21.72
N GLY C 12 18.74 -48.95 -22.05
CA GLY C 12 19.55 -49.82 -22.91
C GLY C 12 20.74 -49.10 -23.50
N LEU C 13 21.57 -49.82 -24.24
CA LEU C 13 22.76 -49.22 -24.85
C LEU C 13 22.75 -49.35 -26.37
N VAL C 14 23.04 -48.26 -27.06
CA VAL C 14 23.04 -48.28 -28.52
C VAL C 14 24.36 -47.80 -29.11
N GLN C 15 24.56 -48.01 -30.42
CA GLN C 15 25.78 -47.56 -31.07
C GLN C 15 25.61 -46.13 -31.56
N PRO C 16 26.70 -45.40 -31.76
CA PRO C 16 26.60 -44.03 -32.29
C PRO C 16 25.99 -44.02 -33.68
N GLY C 17 25.02 -43.13 -33.86
CA GLY C 17 24.29 -43.03 -35.11
C GLY C 17 23.09 -43.94 -35.23
N GLY C 18 22.98 -44.97 -34.40
CA GLY C 18 21.84 -45.86 -34.46
C GLY C 18 20.59 -45.24 -33.85
N SER C 19 19.44 -45.84 -34.12
CA SER C 19 18.17 -45.29 -33.62
C SER C 19 17.85 -45.78 -32.22
N LEU C 20 17.44 -44.87 -31.34
CA LEU C 20 17.08 -45.24 -29.99
C LEU C 20 15.64 -44.85 -29.68
N ARG C 21 14.86 -45.77 -29.12
CA ARG C 21 13.45 -45.48 -28.85
C ARG C 21 13.15 -45.48 -27.35
N LEU C 22 12.50 -44.42 -26.89
CA LEU C 22 12.16 -44.30 -25.48
C LEU C 22 10.65 -44.27 -25.32
N SER C 23 10.17 -44.55 -24.11
CA SER C 23 8.72 -44.59 -23.87
C SER C 23 8.35 -44.05 -22.51
N CYS C 24 7.38 -43.14 -22.46
CA CYS C 24 6.92 -42.59 -21.19
C CYS C 24 5.46 -42.96 -21.03
N ALA C 25 5.10 -43.53 -19.89
CA ALA C 25 3.72 -43.98 -19.70
C ALA C 25 3.00 -43.23 -18.58
N ALA C 26 1.77 -42.79 -18.84
CA ALA C 26 1.01 -42.13 -17.79
C ALA C 26 0.47 -43.16 -16.80
N SER C 27 0.41 -42.74 -15.53
CA SER C 27 -0.02 -43.62 -14.45
C SER C 27 -1.40 -43.26 -13.90
N GLY C 28 -2.32 -42.82 -14.76
CA GLY C 28 -3.68 -42.51 -14.34
C GLY C 28 -4.21 -41.17 -14.81
N PHE C 29 -3.35 -40.21 -15.14
CA PHE C 29 -3.82 -38.91 -15.60
C PHE C 29 -3.97 -38.91 -17.11
N ASN C 30 -4.99 -38.20 -17.59
CA ASN C 30 -5.23 -38.12 -19.03
C ASN C 30 -4.10 -37.38 -19.73
N VAL C 31 -3.65 -37.93 -20.85
CA VAL C 31 -2.50 -37.36 -21.54
C VAL C 31 -2.91 -36.14 -22.37
N VAL C 32 -4.22 -36.02 -22.66
CA VAL C 32 -4.68 -34.90 -23.48
C VAL C 32 -4.79 -33.64 -22.64
N VAL C 33 -5.08 -33.78 -21.35
CA VAL C 33 -5.30 -32.61 -20.50
C VAL C 33 -3.96 -32.09 -19.96
N PHE C 34 -2.90 -32.88 -20.09
CA PHE C 34 -1.59 -32.53 -19.58
C PHE C 34 -0.51 -32.96 -20.56
N SER C 35 0.27 -31.98 -21.04
CA SER C 35 1.35 -32.27 -21.96
C SER C 35 2.55 -32.86 -21.23
N ILE C 36 3.46 -33.45 -21.98
CA ILE C 36 4.61 -34.17 -21.43
C ILE C 36 5.89 -33.56 -22.00
N HIS C 37 6.84 -33.25 -21.12
CA HIS C 37 8.10 -32.64 -21.51
C HIS C 37 9.25 -33.56 -21.11
N TRP C 38 10.26 -33.65 -21.98
CA TRP C 38 11.44 -34.46 -21.71
C TRP C 38 12.61 -33.56 -21.31
N VAL C 39 13.41 -34.04 -20.36
CA VAL C 39 14.60 -33.32 -19.89
C VAL C 39 15.73 -34.31 -19.73
N ARG C 40 16.88 -34.01 -20.31
CA ARG C 40 18.06 -34.86 -20.23
C ARG C 40 19.06 -34.27 -19.25
N GLN C 41 19.78 -35.14 -18.56
CA GLN C 41 20.81 -34.74 -17.60
C GLN C 41 22.06 -35.56 -17.85
N ALA C 42 23.12 -34.91 -18.33
CA ALA C 42 24.39 -35.58 -18.51
C ALA C 42 24.98 -35.97 -17.16
N PRO C 43 25.79 -37.03 -17.12
CA PRO C 43 26.42 -37.43 -15.85
C PRO C 43 27.27 -36.31 -15.28
N GLY C 44 26.86 -35.81 -14.11
CA GLY C 44 27.56 -34.72 -13.46
C GLY C 44 27.45 -33.39 -14.18
N LYS C 45 26.28 -33.10 -14.76
CA LYS C 45 26.05 -31.85 -15.44
C LYS C 45 24.62 -31.41 -15.15
N GLY C 46 24.32 -30.16 -15.54
CA GLY C 46 23.02 -29.60 -15.30
C GLY C 46 21.92 -30.18 -16.18
N LEU C 47 20.66 -30.01 -15.77
CA LEU C 47 19.54 -30.53 -16.54
C LEU C 47 19.42 -29.77 -17.86
N GLU C 48 19.06 -30.50 -18.92
CA GLU C 48 18.92 -29.92 -20.25
C GLU C 48 17.58 -30.33 -20.85
N TRP C 49 16.87 -29.37 -21.42
CA TRP C 49 15.57 -29.62 -22.02
C TRP C 49 15.74 -30.36 -23.35
N VAL C 50 14.74 -31.18 -23.68
CA VAL C 50 14.82 -32.01 -24.88
C VAL C 50 13.70 -31.66 -25.85
N ALA C 51 12.45 -31.89 -25.45
CA ALA C 51 11.30 -31.67 -26.35
C ALA C 51 9.97 -31.61 -25.62
N TYR C 52 8.93 -31.14 -26.30
CA TYR C 52 7.60 -31.05 -25.70
C TYR C 52 6.55 -31.71 -26.59
N ILE C 53 5.64 -32.48 -25.99
CA ILE C 53 4.55 -33.07 -26.76
C ILE C 53 3.19 -32.78 -26.13
N SER C 54 2.21 -32.39 -26.93
CA SER C 54 0.87 -32.17 -26.41
C SER C 54 -0.11 -33.04 -27.18
N SER C 55 -0.83 -33.91 -26.48
CA SER C 55 -1.80 -34.78 -27.14
C SER C 55 -2.99 -33.96 -27.58
N SER C 56 -3.07 -32.71 -27.12
CA SER C 56 -4.15 -31.84 -27.54
C SER C 56 -3.54 -30.68 -28.30
N SER C 57 -4.15 -30.27 -29.41
CA SER C 57 -3.63 -29.20 -30.27
C SER C 57 -2.45 -29.72 -31.09
N GLY C 58 -1.97 -30.91 -30.75
CA GLY C 58 -0.91 -31.52 -31.55
C GLY C 58 0.34 -30.70 -31.76
N SER C 59 0.82 -30.04 -30.72
CA SER C 59 1.99 -29.18 -30.87
C SER C 59 3.24 -29.84 -30.33
N THR C 60 4.25 -29.95 -31.19
CA THR C 60 5.52 -30.52 -30.76
C THR C 60 6.64 -29.53 -30.98
N SER C 61 7.46 -29.30 -29.95
CA SER C 61 8.58 -28.39 -30.08
C SER C 61 9.83 -29.06 -29.54
N TYR C 62 10.93 -28.94 -30.27
CA TYR C 62 12.18 -29.56 -29.85
C TYR C 62 13.14 -28.50 -29.34
N ALA C 63 14.29 -28.96 -28.83
CA ALA C 63 15.29 -28.05 -28.29
C ALA C 63 16.16 -27.48 -29.40
N ASP C 64 17.19 -26.73 -29.01
CA ASP C 64 18.04 -26.06 -29.99
C ASP C 64 19.06 -27.02 -30.58
N SER C 65 19.64 -27.89 -29.75
CA SER C 65 20.72 -28.76 -30.18
C SER C 65 20.27 -30.15 -30.56
N VAL C 66 19.01 -30.52 -30.28
CA VAL C 66 18.52 -31.85 -30.63
C VAL C 66 17.57 -31.85 -31.82
N LYS C 67 17.24 -30.67 -32.36
CA LYS C 67 16.32 -30.60 -33.49
C LYS C 67 16.97 -31.19 -34.74
N GLY C 68 16.16 -31.91 -35.53
CA GLY C 68 16.63 -32.54 -36.74
C GLY C 68 16.87 -34.03 -36.64
N ARG C 69 16.98 -34.58 -35.43
CA ARG C 69 17.20 -36.00 -35.23
C ARG C 69 16.35 -36.60 -34.13
N PHE C 70 15.36 -35.87 -33.61
CA PHE C 70 14.45 -36.38 -32.59
C PHE C 70 13.03 -36.29 -33.10
N THR C 71 12.26 -37.37 -32.90
CA THR C 71 10.87 -37.42 -33.32
C THR C 71 10.03 -37.94 -32.15
N ILE C 72 9.07 -37.13 -31.71
CA ILE C 72 8.23 -37.47 -30.57
C ILE C 72 6.79 -37.57 -31.04
N SER C 73 6.08 -38.60 -30.57
CA SER C 73 4.71 -38.88 -30.98
C SER C 73 3.92 -39.40 -29.79
N ALA C 74 2.71 -38.88 -29.61
CA ALA C 74 1.84 -39.27 -28.50
C ALA C 74 0.51 -39.77 -29.05
N ASP C 75 0.07 -40.92 -28.56
CA ASP C 75 -1.22 -41.50 -28.91
C ASP C 75 -2.14 -41.42 -27.70
N THR C 76 -3.29 -40.79 -27.88
CA THR C 76 -4.21 -40.59 -26.76
C THR C 76 -4.81 -41.91 -26.29
N SER C 77 -5.00 -42.87 -27.20
CA SER C 77 -5.55 -44.16 -26.82
C SER C 77 -4.54 -44.96 -26.01
N LYS C 78 -3.28 -44.99 -26.45
CA LYS C 78 -2.24 -45.70 -25.72
C LYS C 78 -1.85 -45.02 -24.43
N ASN C 79 -2.18 -43.72 -24.29
CA ASN C 79 -1.84 -42.95 -23.10
C ASN C 79 -0.33 -42.96 -22.83
N THR C 80 0.45 -42.95 -23.91
CA THR C 80 1.90 -43.01 -23.81
C THR C 80 2.51 -42.06 -24.83
N ALA C 81 3.78 -41.73 -24.60
CA ALA C 81 4.54 -40.87 -25.49
C ALA C 81 5.85 -41.56 -25.87
N TYR C 82 6.16 -41.57 -27.16
CA TYR C 82 7.34 -42.24 -27.69
C TYR C 82 8.27 -41.21 -28.29
N LEU C 83 9.53 -41.23 -27.84
CA LEU C 83 10.59 -40.37 -28.36
C LEU C 83 11.62 -41.26 -29.04
N GLN C 84 11.93 -40.94 -30.30
CA GLN C 84 12.86 -41.71 -31.10
C GLN C 84 14.02 -40.80 -31.51
N MET C 85 15.24 -41.24 -31.22
CA MET C 85 16.45 -40.50 -31.57
C MET C 85 17.01 -41.10 -32.85
N ASN C 86 16.79 -40.41 -33.97
CA ASN C 86 17.22 -40.92 -35.27
C ASN C 86 18.74 -40.99 -35.39
N SER C 87 19.46 -40.05 -34.77
CA SER C 87 20.91 -40.00 -34.85
C SER C 87 21.49 -39.54 -33.51
N LEU C 88 22.52 -40.23 -33.06
CA LEU C 88 23.22 -39.88 -31.82
C LEU C 88 24.67 -39.58 -32.14
N ARG C 89 25.16 -38.45 -31.63
CA ARG C 89 26.50 -37.97 -31.95
C ARG C 89 27.45 -38.03 -30.76
N ALA C 90 27.28 -39.00 -29.86
CA ALA C 90 28.09 -39.24 -28.67
C ALA C 90 27.96 -38.13 -27.64
N GLU C 91 27.12 -37.12 -27.88
CA GLU C 91 26.90 -36.02 -26.94
C GLU C 91 25.56 -36.13 -26.25
N ASP C 92 24.70 -37.07 -26.68
CA ASP C 92 23.39 -37.27 -26.09
C ASP C 92 23.40 -38.30 -24.97
N THR C 93 24.59 -38.76 -24.56
CA THR C 93 24.68 -39.71 -23.47
C THR C 93 24.28 -39.03 -22.16
N ALA C 94 23.09 -39.37 -21.67
CA ALA C 94 22.53 -38.72 -20.49
C ALA C 94 21.42 -39.58 -19.93
N VAL C 95 20.81 -39.10 -18.85
CA VAL C 95 19.65 -39.73 -18.23
C VAL C 95 18.45 -38.89 -18.62
N TYR C 96 17.47 -39.49 -19.28
CA TYR C 96 16.30 -38.79 -19.78
C TYR C 96 15.12 -39.01 -18.83
N TYR C 97 14.45 -37.92 -18.46
CA TYR C 97 13.25 -37.97 -17.65
C TYR C 97 12.09 -37.37 -18.43
N CYS C 98 10.89 -37.82 -18.12
CA CYS C 98 9.66 -37.25 -18.68
C CYS C 98 8.77 -36.78 -17.54
N ALA C 99 8.34 -35.52 -17.63
CA ALA C 99 7.52 -34.92 -16.59
C ALA C 99 6.26 -34.35 -17.22
N ARG C 100 5.30 -34.02 -16.36
CA ARG C 100 4.02 -33.51 -16.82
C ARG C 100 3.95 -32.00 -16.80
N TRP C 101 3.20 -31.42 -17.73
CA TRP C 101 3.08 -29.96 -17.80
C TRP C 101 1.61 -29.61 -17.92
N GLY C 102 1.24 -28.42 -17.46
CA GLY C 102 -0.14 -27.99 -17.54
C GLY C 102 -0.43 -26.96 -18.60
N TYR C 103 -1.64 -26.97 -19.16
CA TYR C 103 -2.01 -25.98 -20.16
C TYR C 103 -2.21 -24.61 -19.51
N TRP C 104 -2.35 -23.57 -20.33
CA TRP C 104 -2.41 -22.22 -19.75
C TRP C 104 -3.54 -21.84 -18.78
N PRO C 105 -4.78 -22.25 -19.07
CA PRO C 105 -5.80 -21.75 -18.13
C PRO C 105 -5.60 -22.20 -16.69
N GLY C 106 -5.71 -21.26 -15.76
CA GLY C 106 -5.63 -21.60 -14.34
C GLY C 106 -4.32 -21.98 -13.70
N GLU C 107 -4.39 -22.66 -12.56
CA GLU C 107 -3.19 -23.12 -11.85
C GLU C 107 -2.35 -24.22 -12.55
N PRO C 108 -2.94 -24.98 -13.49
CA PRO C 108 -2.06 -25.96 -14.12
C PRO C 108 -0.83 -25.35 -14.79
N TRP C 109 -0.95 -24.19 -15.41
CA TRP C 109 0.24 -23.57 -15.96
C TRP C 109 1.22 -23.15 -14.87
N TRP C 110 0.75 -22.42 -13.87
CA TRP C 110 1.67 -21.88 -12.84
C TRP C 110 2.43 -22.97 -12.12
N LYS C 111 1.88 -24.17 -12.08
CA LYS C 111 2.60 -25.30 -11.52
C LYS C 111 2.99 -26.25 -12.64
N ALA C 112 4.25 -26.24 -13.04
CA ALA C 112 4.68 -27.06 -14.16
C ALA C 112 5.80 -28.00 -13.75
N PHE C 113 6.06 -29.00 -14.58
CA PHE C 113 7.14 -29.94 -14.30
C PHE C 113 7.02 -30.58 -12.93
N ASP C 114 5.85 -31.09 -12.57
CA ASP C 114 5.70 -31.80 -11.31
C ASP C 114 5.56 -33.30 -11.57
N TYR C 115 5.56 -34.12 -10.51
CA TYR C 115 5.44 -35.57 -10.66
C TYR C 115 6.38 -36.10 -11.75
N TRP C 116 7.68 -35.93 -11.52
CA TRP C 116 8.67 -36.40 -12.46
C TRP C 116 8.73 -37.92 -12.48
N GLY C 117 9.42 -38.46 -13.48
CA GLY C 117 9.59 -39.89 -13.61
C GLY C 117 10.92 -40.38 -13.08
N GLN C 118 11.06 -41.70 -12.91
CA GLN C 118 12.33 -42.24 -12.41
C GLN C 118 13.47 -41.96 -13.37
N GLY C 119 13.26 -42.20 -14.66
CA GLY C 119 14.24 -41.91 -15.67
C GLY C 119 14.68 -43.16 -16.41
N THR C 120 15.55 -42.93 -17.40
CA THR C 120 16.10 -44.00 -18.22
C THR C 120 17.51 -43.61 -18.64
N LEU C 121 18.38 -44.61 -18.74
CA LEU C 121 19.77 -44.41 -19.09
C LEU C 121 19.97 -44.66 -20.59
N VAL C 122 20.49 -43.66 -21.28
CA VAL C 122 20.79 -43.74 -22.71
C VAL C 122 22.27 -43.49 -22.90
N THR C 123 23.00 -44.54 -23.28
CA THR C 123 24.44 -44.47 -23.49
C THR C 123 24.73 -44.64 -24.97
N VAL C 124 25.47 -43.69 -25.54
CA VAL C 124 25.82 -43.72 -26.95
C VAL C 124 27.14 -44.46 -27.15
#